data_6KPN
#
_entry.id   6KPN
#
_cell.length_a   105.732
_cell.length_b   105.732
_cell.length_c   63.207
_cell.angle_alpha   90.000
_cell.angle_beta   90.000
_cell.angle_gamma   120.000
#
_symmetry.space_group_name_H-M   'P 65'
#
loop_
_entity.id
_entity.type
_entity.pdbx_description
1 polymer Chitinase
2 branched alpha-L-fucopyranose-(1-6)-2-acetamido-2-deoxy-beta-D-glucopyranose
3 water water
#
_entity_poly.entity_id   1
_entity_poly.type   'polypeptide(L)'
_entity_poly.pdbx_seq_one_letter_code
;MSSSVCPSDNTHATGAALQKILDYKKGDHQIMAGYFRSWRDTASGTGNKVSMLDLPDCLDIAFVFPEGDETASFWTTLKD
TYVPALHGRGIKVVRSVGIAQLINTAWDNTPAGWQGLADALMKTVDDYGLDGLDINVQQSLNANQLKQATGVFNALAKKL
GPKSGTGKLLIFDTNMDGTQPLWRNVYPTISYVLIQSYGRSISGLQTTYNSFKSYISSKQYLIGFSFYEENGTNWGDTTT
PMTSSRAWQYAKWQPSGATKGGIFSYAIDRDGVAIGDNTLKTTDFTWTRQLIGAMNPHHHHHH
;
_entity_poly.pdbx_strand_id   A
#
# COMPACT_ATOMS: atom_id res chain seq x y z
N SER A 4 13.45 -8.73 -14.07
CA SER A 4 14.71 -9.42 -14.53
C SER A 4 15.85 -8.42 -14.80
N VAL A 5 15.51 -7.14 -15.06
CA VAL A 5 16.43 -5.96 -15.00
C VAL A 5 16.62 -5.51 -13.54
N CYS A 6 16.06 -6.25 -12.58
CA CYS A 6 16.11 -6.00 -11.12
C CYS A 6 17.38 -6.60 -10.49
N PRO A 7 18.00 -5.92 -9.51
CA PRO A 7 19.18 -6.46 -8.80
C PRO A 7 18.96 -7.71 -7.91
N SER A 8 19.97 -8.60 -7.94
CA SER A 8 20.07 -9.88 -7.18
C SER A 8 20.43 -9.59 -5.71
N ASP A 9 20.95 -8.39 -5.45
CA ASP A 9 21.09 -7.80 -4.08
C ASP A 9 20.16 -6.57 -4.02
N ASN A 10 20.46 -5.59 -3.14
CA ASN A 10 19.68 -4.33 -3.03
C ASN A 10 20.54 -3.12 -3.43
N THR A 11 21.15 -3.17 -4.62
CA THR A 11 21.87 -2.01 -5.21
C THR A 11 20.83 -0.93 -5.56
N HIS A 12 21.28 0.31 -5.63
CA HIS A 12 20.47 1.47 -6.06
C HIS A 12 21.13 2.00 -7.33
N ALA A 13 20.88 1.32 -8.46
CA ALA A 13 21.41 1.64 -9.80
C ALA A 13 21.22 3.13 -10.11
N THR A 14 21.95 3.67 -11.08
CA THR A 14 22.31 5.11 -11.17
C THR A 14 22.11 5.68 -12.58
N GLY A 15 22.37 4.90 -13.64
CA GLY A 15 22.42 5.42 -15.02
C GLY A 15 21.49 4.66 -15.93
N ALA A 16 22.04 3.87 -16.84
CA ALA A 16 21.28 3.01 -17.77
C ALA A 16 20.78 1.77 -17.02
N ALA A 17 21.52 1.27 -16.03
CA ALA A 17 21.08 0.17 -15.15
C ALA A 17 19.72 0.55 -14.53
N LEU A 18 19.58 1.84 -14.15
CA LEU A 18 18.37 2.41 -13.52
C LEU A 18 17.28 2.59 -14.59
N GLN A 19 17.63 3.21 -15.71
CA GLN A 19 16.72 3.43 -16.86
C GLN A 19 15.95 2.15 -17.22
N LYS A 20 16.63 0.99 -17.22
CA LYS A 20 16.03 -0.32 -17.61
C LYS A 20 14.96 -0.69 -16.58
N ILE A 21 15.21 -0.42 -15.30
CA ILE A 21 14.23 -0.60 -14.19
C ILE A 21 13.09 0.43 -14.40
N LEU A 22 13.41 1.66 -14.79
CA LEU A 22 12.39 2.70 -15.07
C LEU A 22 11.50 2.21 -16.21
N ASP A 23 12.06 1.51 -17.19
CA ASP A 23 11.28 0.98 -18.35
C ASP A 23 10.45 -0.23 -17.93
N TYR A 24 11.03 -1.16 -17.13
CA TYR A 24 10.36 -2.38 -16.61
C TYR A 24 9.00 -1.99 -15.99
N LYS A 25 9.01 -0.86 -15.29
CA LYS A 25 7.89 -0.36 -14.46
C LYS A 25 6.81 0.26 -15.36
N LYS A 26 7.23 0.93 -16.45
CA LYS A 26 6.30 1.41 -17.51
C LYS A 26 5.70 0.19 -18.24
N GLY A 27 6.41 -0.94 -18.27
CA GLY A 27 5.94 -2.20 -18.88
C GLY A 27 4.87 -2.89 -18.04
N ASP A 28 4.10 -3.79 -18.67
CA ASP A 28 3.17 -4.73 -17.98
C ASP A 28 3.94 -5.55 -16.97
N HIS A 29 3.45 -5.61 -15.73
CA HIS A 29 3.97 -6.51 -14.68
C HIS A 29 2.97 -6.60 -13.53
N GLN A 30 3.07 -7.67 -12.77
CA GLN A 30 2.46 -7.74 -11.43
C GLN A 30 3.23 -6.79 -10.50
N ILE A 31 2.51 -5.87 -9.88
CA ILE A 31 3.15 -4.81 -9.06
C ILE A 31 3.32 -5.30 -7.61
N MET A 32 4.33 -4.76 -6.93
CA MET A 32 4.64 -5.01 -5.50
C MET A 32 4.43 -3.68 -4.75
N ALA A 33 3.71 -3.73 -3.64
CA ALA A 33 3.52 -2.58 -2.74
C ALA A 33 3.89 -2.96 -1.29
N GLY A 34 4.22 -1.94 -0.48
CA GLY A 34 4.77 -2.10 0.87
C GLY A 34 4.31 -0.97 1.75
N TYR A 35 3.66 -1.29 2.86
CA TYR A 35 3.38 -0.34 3.95
C TYR A 35 4.63 -0.23 4.82
N PHE A 36 5.27 0.94 4.78
CA PHE A 36 6.42 1.37 5.62
C PHE A 36 5.91 2.14 6.84
N ARG A 37 5.96 1.50 8.00
CA ARG A 37 5.47 2.06 9.26
C ARG A 37 6.33 3.28 9.58
N SER A 38 5.75 4.49 9.59
CA SER A 38 6.51 5.78 9.63
C SER A 38 7.32 5.90 10.93
N TRP A 39 6.73 5.43 12.02
CA TRP A 39 7.34 5.49 13.37
C TRP A 39 8.54 4.55 13.43
N ARG A 40 8.78 3.69 12.44
CA ARG A 40 9.98 2.84 12.43
C ARG A 40 10.99 3.40 11.44
N ASP A 41 10.76 4.59 10.86
CA ASP A 41 11.79 5.19 9.98
C ASP A 41 12.91 5.80 10.84
N THR A 42 14.17 5.61 10.44
CA THR A 42 15.36 6.21 11.12
C THR A 42 15.19 7.73 11.31
N ALA A 43 14.30 8.39 10.57
CA ALA A 43 14.12 9.87 10.67
C ALA A 43 13.08 10.19 11.75
N SER A 44 12.47 9.18 12.37
CA SER A 44 11.52 9.35 13.50
C SER A 44 12.15 8.74 14.76
N GLY A 45 12.05 9.48 15.87
CA GLY A 45 12.61 9.09 17.19
C GLY A 45 14.05 8.63 17.12
N THR A 46 14.32 7.50 17.79
CA THR A 46 15.66 6.90 17.95
C THR A 46 15.49 5.38 18.03
N GLY A 47 16.51 4.62 17.62
CA GLY A 47 16.55 3.17 17.76
C GLY A 47 16.04 2.41 16.54
N ASN A 48 15.52 3.10 15.54
CA ASN A 48 15.06 2.49 14.25
C ASN A 48 16.26 2.16 13.36
N LYS A 49 16.18 1.06 12.61
CA LYS A 49 17.32 0.56 11.81
C LYS A 49 17.09 0.79 10.32
N VAL A 50 15.84 1.06 9.88
CA VAL A 50 15.49 1.05 8.42
C VAL A 50 15.01 2.44 8.02
N SER A 51 15.47 2.91 6.85
CA SER A 51 15.06 4.17 6.19
C SER A 51 14.29 3.89 4.89
N MET A 52 13.35 4.76 4.57
CA MET A 52 12.60 4.70 3.29
C MET A 52 13.58 4.87 2.12
N LEU A 53 14.77 5.45 2.35
CA LEU A 53 15.83 5.53 1.30
C LEU A 53 16.34 4.13 0.94
N ASP A 54 16.20 3.13 1.79
CA ASP A 54 16.72 1.76 1.52
C ASP A 54 15.76 0.93 0.65
N LEU A 55 14.56 1.44 0.32
CA LEU A 55 13.52 0.63 -0.37
C LEU A 55 14.07 0.21 -1.73
N PRO A 56 13.83 -1.06 -2.14
CA PRO A 56 14.34 -1.58 -3.40
C PRO A 56 13.83 -0.83 -4.63
N ASP A 57 14.72 -0.63 -5.61
CA ASP A 57 14.47 0.16 -6.85
C ASP A 57 13.28 -0.44 -7.61
N CYS A 58 13.03 -1.74 -7.45
CA CYS A 58 12.02 -2.48 -8.27
C CYS A 58 10.63 -2.48 -7.59
N LEU A 59 10.50 -1.73 -6.47
CA LEU A 59 9.23 -1.52 -5.74
C LEU A 59 8.35 -0.60 -6.60
N ASP A 60 7.05 -0.82 -6.64
CA ASP A 60 6.08 -0.02 -7.42
C ASP A 60 5.45 1.04 -6.51
N ILE A 61 4.95 0.65 -5.34
CA ILE A 61 4.33 1.65 -4.42
C ILE A 61 4.83 1.42 -3.00
N ALA A 62 5.17 2.54 -2.37
CA ALA A 62 5.49 2.71 -0.94
C ALA A 62 4.37 3.48 -0.23
N PHE A 63 3.69 2.85 0.72
CA PHE A 63 2.69 3.55 1.56
C PHE A 63 3.38 4.14 2.78
N VAL A 64 3.10 5.42 3.02
CA VAL A 64 3.46 6.15 4.26
C VAL A 64 2.33 5.92 5.25
N PHE A 65 2.59 5.12 6.27
CA PHE A 65 1.57 4.71 7.26
C PHE A 65 2.06 5.23 8.61
N PRO A 66 1.58 6.41 9.03
CA PRO A 66 1.86 6.91 10.38
C PRO A 66 0.82 6.46 11.42
N GLU A 67 1.15 6.53 12.71
CA GLU A 67 0.19 6.30 13.83
C GLU A 67 -0.06 7.62 14.57
N GLY A 68 0.76 8.65 14.32
CA GLY A 68 0.44 10.04 14.73
C GLY A 68 1.36 10.60 15.82
N ASP A 69 2.38 9.86 16.25
CA ASP A 69 3.38 10.28 17.26
C ASP A 69 4.75 10.27 16.58
N GLU A 70 4.81 10.33 15.26
CA GLU A 70 6.12 10.43 14.58
C GLU A 70 6.72 11.83 14.88
N THR A 71 8.04 11.97 14.89
CA THR A 71 8.68 13.29 15.13
C THR A 71 8.63 14.07 13.83
N ALA A 72 8.51 15.39 13.93
CA ALA A 72 8.46 16.32 12.78
C ALA A 72 9.64 16.05 11.84
N SER A 73 10.81 15.65 12.35
CA SER A 73 11.98 15.28 11.48
C SER A 73 11.56 14.30 10.36
N PHE A 74 10.66 13.35 10.65
CA PHE A 74 10.19 12.35 9.65
C PHE A 74 9.58 13.05 8.44
N TRP A 75 8.66 13.97 8.68
CA TRP A 75 7.84 14.66 7.66
C TRP A 75 8.73 15.57 6.83
N THR A 76 9.68 16.22 7.49
CA THR A 76 10.71 17.06 6.84
C THR A 76 11.50 16.22 5.83
N THR A 77 12.03 15.09 6.28
CA THR A 77 12.85 14.20 5.42
C THR A 77 11.99 13.65 4.30
N LEU A 78 10.75 13.29 4.59
CA LEU A 78 9.84 12.72 3.57
C LEU A 78 9.73 13.72 2.41
N LYS A 79 9.32 14.95 2.71
CA LYS A 79 9.16 16.00 1.68
C LYS A 79 10.48 16.29 0.99
N ASP A 80 11.55 16.54 1.75
CA ASP A 80 12.80 17.14 1.19
C ASP A 80 13.67 16.08 0.53
N THR A 81 13.72 14.87 1.09
CA THR A 81 14.70 13.83 0.69
C THR A 81 14.00 12.61 0.10
N TYR A 82 13.14 11.93 0.86
CA TYR A 82 12.67 10.55 0.56
C TYR A 82 11.83 10.54 -0.73
N VAL A 83 10.86 11.43 -0.84
CA VAL A 83 9.93 11.42 -2.00
C VAL A 83 10.76 11.61 -3.28
N PRO A 84 11.60 12.66 -3.41
CA PRO A 84 12.42 12.81 -4.62
C PRO A 84 13.20 11.54 -5.03
N ALA A 85 13.90 10.91 -4.09
CA ALA A 85 14.79 9.75 -4.37
C ALA A 85 13.98 8.52 -4.81
N LEU A 86 12.85 8.30 -4.15
CA LEU A 86 11.89 7.23 -4.55
C LEU A 86 11.29 7.57 -5.93
N HIS A 87 10.92 8.83 -6.19
CA HIS A 87 10.45 9.23 -7.55
C HIS A 87 11.57 8.98 -8.55
N GLY A 88 12.82 9.27 -8.19
CA GLY A 88 14.02 8.93 -8.99
C GLY A 88 14.08 7.46 -9.36
N ARG A 89 13.63 6.57 -8.47
CA ARG A 89 13.64 5.12 -8.74
C ARG A 89 12.33 4.68 -9.41
N GLY A 90 11.47 5.62 -9.79
CA GLY A 90 10.12 5.33 -10.31
C GLY A 90 9.25 4.63 -9.26
N ILE A 91 9.42 4.97 -7.99
CA ILE A 91 8.56 4.43 -6.92
C ILE A 91 7.48 5.50 -6.59
N LYS A 92 6.23 5.06 -6.56
CA LYS A 92 5.09 5.90 -6.18
C LYS A 92 5.01 5.87 -4.67
N VAL A 93 4.76 7.03 -4.09
CA VAL A 93 4.63 7.22 -2.63
C VAL A 93 3.21 7.69 -2.35
N VAL A 94 2.53 6.97 -1.47
CA VAL A 94 1.09 7.18 -1.21
C VAL A 94 0.91 7.28 0.30
N ARG A 95 0.18 8.29 0.73
CA ARG A 95 -0.23 8.46 2.14
C ARG A 95 -1.42 7.53 2.43
N SER A 96 -1.32 6.76 3.51
CA SER A 96 -2.40 5.93 4.07
C SER A 96 -3.09 6.63 5.23
N VAL A 97 -4.41 6.56 5.30
CA VAL A 97 -5.25 7.11 6.40
C VAL A 97 -6.38 6.13 6.67
N GLY A 98 -6.84 6.05 7.90
CA GLY A 98 -7.93 5.18 8.34
C GLY A 98 -9.27 5.78 7.97
N ILE A 99 -10.29 4.93 7.87
CA ILE A 99 -11.67 5.38 7.59
C ILE A 99 -12.15 6.30 8.72
N ALA A 100 -11.67 6.09 9.95
CA ALA A 100 -11.96 7.01 11.09
C ALA A 100 -11.85 8.48 10.62
N GLN A 101 -10.85 8.81 9.82
CA GLN A 101 -10.57 10.17 9.35
C GLN A 101 -11.72 10.71 8.50
N LEU A 102 -12.43 9.86 7.74
CA LEU A 102 -13.44 10.30 6.74
C LEU A 102 -14.83 10.31 7.36
N ILE A 103 -14.98 9.77 8.58
CA ILE A 103 -16.27 9.71 9.33
C ILE A 103 -16.15 10.46 10.66
N ASN A 104 -15.10 11.25 10.81
CA ASN A 104 -14.92 12.23 11.92
C ASN A 104 -16.08 13.25 11.97
N THR A 105 -16.86 13.25 13.05
CA THR A 105 -18.07 14.10 13.26
C THR A 105 -17.70 15.56 13.59
N ALA A 106 -16.42 15.90 13.74
CA ALA A 106 -15.95 17.31 13.80
C ALA A 106 -16.14 17.98 12.43
N TRP A 107 -16.28 17.19 11.37
CA TRP A 107 -16.52 17.69 10.01
C TRP A 107 -17.99 17.45 9.68
N ASP A 108 -18.65 18.49 9.16
CA ASP A 108 -20.09 18.47 8.84
C ASP A 108 -20.40 17.38 7.79
N ASN A 109 -21.49 16.67 8.00
CA ASN A 109 -21.93 15.56 7.13
C ASN A 109 -22.83 16.20 6.10
N THR A 110 -22.24 17.00 5.21
CA THR A 110 -22.91 17.84 4.17
C THR A 110 -21.94 17.96 3.00
N PRO A 111 -22.43 18.32 1.81
CA PRO A 111 -21.57 18.56 0.67
C PRO A 111 -20.35 19.41 1.01
N ALA A 112 -20.59 20.56 1.64
CA ALA A 112 -19.53 21.52 2.07
C ALA A 112 -18.55 20.81 3.01
N GLY A 113 -19.07 20.00 3.93
CA GLY A 113 -18.31 19.20 4.92
C GLY A 113 -17.48 18.14 4.22
N TRP A 114 -18.04 17.48 3.21
CA TRP A 114 -17.32 16.41 2.51
C TRP A 114 -16.18 17.04 1.73
N GLN A 115 -16.44 18.22 1.13
CA GLN A 115 -15.44 18.97 0.37
C GLN A 115 -14.35 19.46 1.33
N GLY A 116 -14.75 20.03 2.47
CA GLY A 116 -13.80 20.59 3.47
C GLY A 116 -12.82 19.52 3.92
N LEU A 117 -13.34 18.34 4.23
CA LEU A 117 -12.58 17.17 4.73
C LEU A 117 -11.66 16.65 3.61
N ALA A 118 -12.18 16.52 2.40
CA ALA A 118 -11.38 16.14 1.24
C ALA A 118 -10.22 17.12 1.04
N ASP A 119 -10.47 18.42 1.16
CA ASP A 119 -9.41 19.46 1.05
C ASP A 119 -8.30 19.18 2.07
N ALA A 120 -8.68 18.78 3.27
CA ALA A 120 -7.74 18.58 4.41
C ALA A 120 -6.96 17.29 4.16
N LEU A 121 -7.63 16.24 3.65
CA LEU A 121 -6.87 15.03 3.29
C LEU A 121 -5.99 15.34 2.07
N MET A 122 -6.43 16.16 1.12
CA MET A 122 -5.60 16.47 -0.07
C MET A 122 -4.34 17.24 0.32
N LYS A 123 -4.36 18.00 1.41
CA LYS A 123 -3.13 18.66 1.92
C LYS A 123 -2.12 17.57 2.30
N THR A 124 -2.57 16.49 2.95
CA THR A 124 -1.64 15.39 3.33
C THR A 124 -0.96 14.81 2.08
N VAL A 125 -1.59 14.95 0.91
CA VAL A 125 -1.00 14.47 -0.37
C VAL A 125 -0.13 15.57 -0.95
N ASP A 126 -0.70 16.74 -1.20
CA ASP A 126 -0.04 17.79 -2.03
C ASP A 126 1.17 18.37 -1.28
N ASP A 127 1.07 18.58 0.02
CA ASP A 127 2.16 19.21 0.82
C ASP A 127 3.41 18.35 0.75
N TYR A 128 3.34 17.09 0.29
CA TYR A 128 4.53 16.20 0.25
C TYR A 128 4.91 15.80 -1.17
N GLY A 129 4.17 16.25 -2.20
CA GLY A 129 4.32 15.77 -3.59
C GLY A 129 4.02 14.28 -3.73
N LEU A 130 2.97 13.81 -3.08
CA LEU A 130 2.68 12.35 -3.03
C LEU A 130 1.87 11.98 -4.28
N ASP A 131 1.79 10.68 -4.54
CA ASP A 131 1.19 10.11 -5.77
C ASP A 131 -0.28 9.83 -5.53
N GLY A 132 -0.75 9.95 -4.27
CA GLY A 132 -2.16 9.83 -3.90
C GLY A 132 -2.37 9.33 -2.47
N LEU A 133 -3.53 8.73 -2.22
CA LEU A 133 -4.10 8.50 -0.88
C LEU A 133 -4.66 7.10 -0.82
N ASP A 134 -4.44 6.44 0.31
CA ASP A 134 -4.88 5.05 0.56
C ASP A 134 -5.85 5.10 1.75
N ILE A 135 -7.05 4.60 1.61
CA ILE A 135 -8.02 4.59 2.73
C ILE A 135 -8.15 3.14 3.25
N ASN A 136 -7.90 2.97 4.53
CA ASN A 136 -7.92 1.67 5.22
C ASN A 136 -9.30 1.47 5.86
N VAL A 137 -10.05 0.51 5.34
CA VAL A 137 -11.42 0.22 5.85
C VAL A 137 -11.47 -1.17 6.50
N GLN A 138 -11.79 -1.24 7.81
CA GLN A 138 -11.77 -2.48 8.63
C GLN A 138 -12.98 -2.47 9.55
N GLN A 139 -14.09 -1.89 9.10
CA GLN A 139 -15.32 -1.79 9.93
C GLN A 139 -16.50 -1.51 9.02
N SER A 140 -17.66 -1.97 9.44
CA SER A 140 -18.95 -1.56 8.83
C SER A 140 -19.30 -0.14 9.30
N LEU A 141 -20.19 0.53 8.60
CA LEU A 141 -20.55 1.94 8.89
C LEU A 141 -22.04 1.99 9.13
N ASN A 142 -22.51 2.88 10.00
CA ASN A 142 -23.96 3.21 10.04
C ASN A 142 -24.32 4.10 8.85
N ALA A 143 -25.62 4.37 8.71
CA ALA A 143 -26.17 5.16 7.60
C ALA A 143 -25.41 6.50 7.50
N ASN A 144 -25.12 7.16 8.64
CA ASN A 144 -24.57 8.54 8.67
C ASN A 144 -23.10 8.52 8.23
N GLN A 145 -22.31 7.69 8.89
CA GLN A 145 -20.92 7.35 8.51
C GLN A 145 -20.82 6.98 7.04
N LEU A 146 -21.68 6.08 6.55
CA LEU A 146 -21.66 5.68 5.12
C LEU A 146 -21.78 6.93 4.24
N LYS A 147 -22.76 7.77 4.59
CA LYS A 147 -23.09 8.98 3.81
C LYS A 147 -21.88 9.90 3.77
N GLN A 148 -21.19 10.05 4.90
CA GLN A 148 -20.02 10.99 5.01
C GLN A 148 -18.85 10.41 4.22
N ALA A 149 -18.49 9.14 4.44
CA ALA A 149 -17.36 8.49 3.74
C ALA A 149 -17.58 8.55 2.22
N THR A 150 -18.80 8.24 1.77
CA THR A 150 -19.13 8.28 0.31
C THR A 150 -18.91 9.71 -0.21
N GLY A 151 -19.47 10.70 0.48
CA GLY A 151 -19.29 12.13 0.14
C GLY A 151 -17.82 12.48 -0.03
N VAL A 152 -16.98 12.08 0.92
CA VAL A 152 -15.53 12.42 0.92
C VAL A 152 -14.87 11.70 -0.27
N PHE A 153 -15.14 10.41 -0.47
CA PHE A 153 -14.55 9.67 -1.61
C PHE A 153 -14.92 10.43 -2.88
N ASN A 154 -16.19 10.86 -2.98
CA ASN A 154 -16.71 11.51 -4.20
C ASN A 154 -16.02 12.87 -4.39
N ALA A 155 -15.85 13.65 -3.32
CA ALA A 155 -15.04 14.89 -3.38
C ALA A 155 -13.57 14.57 -3.75
N LEU A 156 -12.93 13.56 -3.15
CA LEU A 156 -11.51 13.22 -3.50
C LEU A 156 -11.38 12.83 -4.96
N ALA A 157 -12.41 12.17 -5.50
CA ALA A 157 -12.41 11.56 -6.85
C ALA A 157 -12.18 12.67 -7.89
N LYS A 158 -12.38 13.94 -7.52
CA LYS A 158 -12.11 15.08 -8.42
C LYS A 158 -10.61 15.27 -8.58
N LYS A 159 -9.79 14.79 -7.67
CA LYS A 159 -8.34 15.08 -7.71
C LYS A 159 -7.49 13.84 -7.79
N LEU A 160 -8.06 12.68 -7.43
CA LEU A 160 -7.33 11.38 -7.40
C LEU A 160 -8.20 10.33 -8.09
N GLY A 161 -7.51 9.37 -8.68
CA GLY A 161 -8.11 8.11 -9.12
C GLY A 161 -8.73 8.27 -10.51
N PRO A 162 -9.45 7.22 -10.97
CA PRO A 162 -9.95 7.12 -12.35
C PRO A 162 -10.83 8.29 -12.83
N LYS A 163 -11.58 8.94 -11.95
CA LYS A 163 -12.51 10.04 -12.34
C LYS A 163 -11.79 11.38 -12.53
N SER A 164 -10.52 11.50 -12.13
CA SER A 164 -9.79 12.78 -11.97
C SER A 164 -8.93 13.08 -13.21
N GLY A 165 -8.42 12.07 -13.91
CA GLY A 165 -7.48 12.36 -15.01
C GLY A 165 -6.18 13.00 -14.55
N THR A 166 -5.79 12.93 -13.28
CA THR A 166 -4.52 13.52 -12.79
C THR A 166 -3.39 12.52 -12.92
N GLY A 167 -3.70 11.23 -13.00
CA GLY A 167 -2.68 10.18 -12.81
C GLY A 167 -2.40 9.89 -11.35
N LYS A 168 -3.04 10.59 -10.42
CA LYS A 168 -2.84 10.29 -8.98
C LYS A 168 -3.72 9.11 -8.58
N LEU A 169 -3.34 8.40 -7.53
CA LEU A 169 -4.03 7.16 -7.09
C LEU A 169 -5.08 7.44 -6.02
N LEU A 170 -6.20 6.74 -6.07
CA LEU A 170 -7.14 6.66 -4.92
C LEU A 170 -7.30 5.18 -4.56
N ILE A 171 -6.79 4.76 -3.40
CA ILE A 171 -6.68 3.31 -3.11
C ILE A 171 -7.62 2.93 -1.97
N PHE A 172 -8.32 1.83 -2.15
CA PHE A 172 -9.20 1.22 -1.14
C PHE A 172 -8.47 -0.04 -0.65
N ASP A 173 -8.00 -0.05 0.61
CA ASP A 173 -7.37 -1.22 1.24
C ASP A 173 -8.32 -1.71 2.35
N THR A 174 -8.53 -3.01 2.46
CA THR A 174 -9.59 -3.52 3.36
C THR A 174 -9.34 -4.98 3.76
N ASN A 175 -9.98 -5.37 4.85
CA ASN A 175 -9.99 -6.78 5.30
C ASN A 175 -11.43 -7.29 5.19
N MET A 176 -12.32 -6.55 4.51
CA MET A 176 -13.73 -6.98 4.26
C MET A 176 -13.92 -7.26 2.76
N ASP A 177 -15.14 -7.52 2.29
CA ASP A 177 -15.35 -7.97 0.88
C ASP A 177 -16.18 -6.95 0.08
N GLY A 178 -16.53 -7.29 -1.14
CA GLY A 178 -17.16 -6.35 -2.09
C GLY A 178 -18.63 -6.19 -1.81
N THR A 179 -19.16 -6.84 -0.78
CA THR A 179 -20.54 -6.57 -0.34
C THR A 179 -20.58 -5.40 0.64
N GLN A 180 -19.45 -4.85 1.13
CA GLN A 180 -19.50 -3.71 2.09
C GLN A 180 -20.15 -2.52 1.37
N PRO A 181 -21.23 -1.92 1.94
CA PRO A 181 -21.95 -0.81 1.30
C PRO A 181 -21.03 0.34 0.84
N LEU A 182 -19.98 0.66 1.61
CA LEU A 182 -19.06 1.75 1.21
C LEU A 182 -18.49 1.42 -0.18
N TRP A 183 -18.03 0.16 -0.37
CA TRP A 183 -17.43 -0.33 -1.64
C TRP A 183 -18.42 -0.17 -2.79
N ARG A 184 -19.66 -0.55 -2.52
CA ARG A 184 -20.79 -0.48 -3.47
C ARG A 184 -21.01 1.01 -3.83
N ASN A 185 -20.68 1.95 -2.94
CA ASN A 185 -20.91 3.39 -3.20
C ASN A 185 -19.73 3.99 -3.98
N VAL A 186 -18.49 3.51 -3.79
CA VAL A 186 -17.26 4.29 -4.19
C VAL A 186 -16.38 3.56 -5.20
N TYR A 187 -16.71 2.32 -5.62
CA TYR A 187 -15.87 1.54 -6.56
C TYR A 187 -15.57 2.33 -7.83
N PRO A 188 -16.47 3.19 -8.36
CA PRO A 188 -16.11 3.97 -9.54
C PRO A 188 -14.96 4.98 -9.38
N THR A 189 -14.52 5.25 -8.12
CA THR A 189 -13.52 6.29 -7.80
C THR A 189 -12.13 5.65 -7.66
N ILE A 190 -12.03 4.31 -7.73
CA ILE A 190 -10.87 3.57 -7.15
C ILE A 190 -9.83 3.21 -8.21
N SER A 191 -8.58 3.52 -7.94
CA SER A 191 -7.40 3.03 -8.68
C SER A 191 -7.16 1.55 -8.38
N TYR A 192 -6.83 1.21 -7.15
CA TYR A 192 -6.53 -0.19 -6.78
C TYR A 192 -7.35 -0.54 -5.56
N VAL A 193 -7.68 -1.81 -5.43
CA VAL A 193 -8.25 -2.36 -4.17
C VAL A 193 -7.29 -3.43 -3.64
N LEU A 194 -6.85 -3.25 -2.39
CA LEU A 194 -5.85 -4.10 -1.71
C LEU A 194 -6.54 -4.86 -0.58
N ILE A 195 -6.52 -6.19 -0.63
CA ILE A 195 -7.16 -7.07 0.41
C ILE A 195 -6.09 -7.52 1.41
N GLN A 196 -6.15 -6.96 2.61
CA GLN A 196 -5.46 -7.46 3.82
C GLN A 196 -5.87 -8.93 3.98
N SER A 197 -4.91 -9.82 3.75
CA SER A 197 -5.16 -11.29 3.72
C SER A 197 -4.20 -12.03 4.67
N TYR A 198 -3.82 -11.43 5.80
CA TYR A 198 -2.76 -11.96 6.69
C TYR A 198 -3.27 -13.27 7.32
N GLY A 199 -2.46 -14.34 7.26
CA GLY A 199 -2.72 -15.69 7.81
C GLY A 199 -3.96 -16.36 7.24
N ARG A 200 -4.35 -16.11 5.98
CA ARG A 200 -5.62 -16.62 5.38
C ARG A 200 -5.37 -17.90 4.58
N SER A 201 -6.45 -18.64 4.25
CA SER A 201 -6.41 -19.84 3.37
C SER A 201 -6.14 -19.46 1.92
N ILE A 202 -5.18 -20.11 1.28
CA ILE A 202 -4.99 -20.00 -0.21
C ILE A 202 -6.32 -20.38 -0.88
N SER A 203 -7.12 -21.23 -0.26
CA SER A 203 -8.37 -21.81 -0.79
C SER A 203 -9.50 -20.80 -0.74
N GLY A 204 -9.31 -19.72 0.03
CA GLY A 204 -10.37 -18.72 0.25
C GLY A 204 -10.21 -17.57 -0.71
N LEU A 205 -9.10 -17.50 -1.46
CA LEU A 205 -8.69 -16.29 -2.22
C LEU A 205 -9.71 -15.99 -3.31
N GLN A 206 -10.16 -17.03 -4.02
CA GLN A 206 -11.05 -16.88 -5.19
C GLN A 206 -12.36 -16.28 -4.69
N THR A 207 -12.92 -16.82 -3.62
CA THR A 207 -14.20 -16.37 -3.03
C THR A 207 -14.13 -14.86 -2.81
N THR A 208 -13.04 -14.36 -2.23
CA THR A 208 -12.89 -12.92 -1.88
C THR A 208 -12.84 -12.10 -3.18
N TYR A 209 -12.04 -12.55 -4.15
CA TYR A 209 -11.89 -11.85 -5.44
C TYR A 209 -13.25 -11.71 -6.15
N ASN A 210 -14.00 -12.81 -6.15
CA ASN A 210 -15.34 -12.92 -6.78
C ASN A 210 -16.27 -11.86 -6.16
N SER A 211 -16.09 -11.51 -4.89
CA SER A 211 -16.91 -10.45 -4.22
C SER A 211 -16.62 -9.06 -4.82
N PHE A 212 -15.52 -8.88 -5.55
CA PHE A 212 -15.09 -7.58 -6.11
C PHE A 212 -15.10 -7.55 -7.64
N LYS A 213 -15.11 -8.73 -8.28
CA LYS A 213 -14.62 -8.86 -9.67
C LYS A 213 -15.60 -8.15 -10.62
N SER A 214 -16.86 -8.06 -10.26
CA SER A 214 -17.91 -7.35 -11.02
C SER A 214 -17.66 -5.85 -11.01
N TYR A 215 -16.78 -5.30 -10.17
CA TYR A 215 -16.66 -3.84 -9.99
C TYR A 215 -15.29 -3.31 -10.43
N ILE A 216 -14.49 -4.14 -11.06
CA ILE A 216 -13.05 -3.86 -11.29
C ILE A 216 -12.61 -4.71 -12.45
N SER A 217 -11.45 -4.42 -13.02
CA SER A 217 -10.66 -5.43 -13.75
C SER A 217 -9.59 -5.99 -12.82
N SER A 218 -9.14 -7.18 -13.15
CA SER A 218 -8.37 -8.01 -12.21
C SER A 218 -7.00 -7.35 -11.95
N LYS A 219 -6.55 -6.47 -12.83
CA LYS A 219 -5.24 -5.79 -12.64
C LYS A 219 -5.34 -4.72 -11.52
N GLN A 220 -6.54 -4.39 -11.05
CA GLN A 220 -6.73 -3.42 -9.94
C GLN A 220 -6.55 -4.14 -8.60
N TYR A 221 -6.61 -5.48 -8.58
CA TYR A 221 -6.74 -6.30 -7.35
C TYR A 221 -5.38 -6.81 -6.89
N LEU A 222 -5.02 -6.47 -5.65
CA LEU A 222 -3.79 -6.92 -4.94
C LEU A 222 -4.20 -7.62 -3.63
N ILE A 223 -3.45 -8.65 -3.26
CA ILE A 223 -3.59 -9.36 -1.96
C ILE A 223 -2.35 -9.10 -1.09
N GLY A 224 -2.60 -9.04 0.23
CA GLY A 224 -1.65 -8.60 1.26
C GLY A 224 -1.28 -9.72 2.22
N PHE A 225 0.04 -9.89 2.40
CA PHE A 225 0.63 -10.62 3.55
C PHE A 225 1.31 -9.60 4.49
N SER A 226 1.50 -10.01 5.74
CA SER A 226 2.26 -9.24 6.76
C SER A 226 3.66 -9.84 6.94
N PHE A 227 4.66 -8.99 7.13
CA PHE A 227 5.96 -9.37 7.76
C PHE A 227 5.75 -9.46 9.27
N TYR A 228 6.66 -10.11 9.99
CA TYR A 228 6.58 -10.22 11.48
C TYR A 228 6.87 -8.86 12.14
N GLU A 229 5.84 -8.28 12.75
CA GLU A 229 5.98 -7.05 13.57
C GLU A 229 6.55 -7.40 14.94
N GLU A 230 7.57 -6.65 15.37
CA GLU A 230 8.13 -6.68 16.75
C GLU A 230 6.95 -6.64 17.70
N ASN A 231 6.81 -7.68 18.51
CA ASN A 231 5.74 -7.76 19.53
C ASN A 231 4.37 -7.83 18.88
N GLY A 232 4.30 -8.23 17.61
CA GLY A 232 3.03 -8.26 16.88
C GLY A 232 2.37 -9.63 16.89
N THR A 233 1.20 -9.67 16.25
CA THR A 233 0.46 -10.90 15.89
C THR A 233 1.38 -11.78 15.03
N ASN A 234 1.37 -13.08 15.30
CA ASN A 234 2.09 -14.09 14.50
C ASN A 234 1.13 -14.59 13.41
N TRP A 235 1.10 -13.94 12.25
CA TRP A 235 0.24 -14.34 11.10
C TRP A 235 0.84 -15.55 10.36
N GLY A 236 2.16 -15.73 10.42
CA GLY A 236 2.84 -16.89 9.82
C GLY A 236 2.92 -16.80 8.31
N ASP A 237 2.92 -15.59 7.77
CA ASP A 237 2.90 -15.33 6.30
C ASP A 237 4.30 -15.48 5.70
N THR A 238 5.36 -15.51 6.52
CA THR A 238 6.77 -15.40 6.07
C THR A 238 7.64 -16.52 6.63
N THR A 239 7.07 -17.72 6.81
CA THR A 239 7.78 -18.90 7.34
C THR A 239 8.85 -19.34 6.34
N THR A 240 9.90 -20.00 6.83
CA THR A 240 10.96 -20.65 6.00
C THR A 240 10.65 -22.14 5.90
N PRO A 241 10.99 -22.78 4.77
CA PRO A 241 11.62 -22.07 3.63
C PRO A 241 10.65 -21.12 2.92
N MET A 242 11.20 -20.04 2.35
CA MET A 242 10.43 -18.95 1.69
C MET A 242 9.44 -19.53 0.66
N THR A 243 9.93 -20.29 -0.31
CA THR A 243 9.16 -20.70 -1.51
C THR A 243 8.03 -21.66 -1.09
N SER A 244 7.90 -22.00 0.18
CA SER A 244 6.67 -22.63 0.73
C SER A 244 5.85 -21.63 1.57
N SER A 245 6.26 -20.36 1.71
CA SER A 245 5.54 -19.33 2.52
C SER A 245 4.17 -18.98 1.93
N ARG A 246 3.31 -18.41 2.76
CA ARG A 246 2.02 -17.82 2.29
C ARG A 246 2.33 -16.64 1.38
N ALA A 247 3.38 -15.87 1.64
CA ALA A 247 3.69 -14.70 0.81
C ALA A 247 3.98 -15.20 -0.60
N TRP A 248 4.78 -16.27 -0.68
CA TRP A 248 5.25 -16.89 -1.94
C TRP A 248 4.07 -17.40 -2.76
N GLN A 249 3.19 -18.14 -2.10
CA GLN A 249 1.96 -18.68 -2.71
C GLN A 249 1.06 -17.52 -3.15
N TYR A 250 1.01 -16.41 -2.39
CA TYR A 250 0.30 -15.18 -2.80
C TYR A 250 0.91 -14.67 -4.12
N ALA A 251 2.23 -14.60 -4.26
CA ALA A 251 2.92 -14.10 -5.48
C ALA A 251 2.54 -14.97 -6.70
N LYS A 252 2.26 -16.27 -6.49
CA LYS A 252 1.96 -17.26 -7.57
C LYS A 252 0.47 -17.30 -7.87
N TRP A 253 -0.39 -17.12 -6.88
CA TRP A 253 -1.87 -17.21 -7.03
C TRP A 253 -2.36 -16.29 -8.15
N GLN A 254 -3.28 -16.79 -8.96
CA GLN A 254 -4.03 -15.98 -9.94
C GLN A 254 -5.47 -16.40 -9.81
N PRO A 255 -6.42 -15.46 -9.94
CA PRO A 255 -7.84 -15.83 -9.92
C PRO A 255 -8.09 -16.63 -11.21
N SER A 256 -9.09 -17.51 -11.20
CA SER A 256 -9.42 -18.40 -12.34
C SER A 256 -9.73 -17.56 -13.59
N GLY A 257 -8.94 -17.73 -14.66
CA GLY A 257 -9.19 -17.13 -15.98
C GLY A 257 -8.73 -15.69 -16.05
N ALA A 258 -7.79 -15.25 -15.22
CA ALA A 258 -7.46 -13.82 -15.13
C ALA A 258 -6.14 -13.66 -14.37
N THR A 259 -5.49 -12.51 -14.56
CA THR A 259 -4.25 -12.10 -13.86
C THR A 259 -4.52 -10.94 -12.91
N LYS A 260 -4.10 -11.11 -11.66
CA LYS A 260 -4.25 -10.11 -10.57
C LYS A 260 -3.28 -8.96 -10.81
N GLY A 261 -3.56 -7.81 -10.20
CA GLY A 261 -2.67 -6.63 -10.11
C GLY A 261 -1.32 -6.96 -9.50
N GLY A 262 -1.29 -7.79 -8.44
CA GLY A 262 -0.04 -8.08 -7.71
C GLY A 262 -0.27 -8.33 -6.23
N ILE A 263 0.75 -8.09 -5.40
CA ILE A 263 0.66 -8.31 -3.93
C ILE A 263 1.23 -7.08 -3.20
N PHE A 264 0.93 -6.98 -1.90
CA PHE A 264 1.57 -6.00 -1.02
C PHE A 264 1.95 -6.68 0.29
N SER A 265 2.96 -6.12 0.96
CA SER A 265 3.36 -6.48 2.35
C SER A 265 2.95 -5.39 3.34
N TYR A 266 2.48 -5.77 4.53
CA TYR A 266 2.40 -4.86 5.69
C TYR A 266 3.72 -4.91 6.45
N ALA A 267 4.19 -3.77 6.96
CA ALA A 267 5.47 -3.65 7.70
C ALA A 267 6.60 -4.14 6.81
N ILE A 268 6.71 -3.58 5.60
CA ILE A 268 7.83 -3.86 4.66
C ILE A 268 9.14 -3.49 5.36
N ASP A 269 9.08 -2.61 6.37
CA ASP A 269 10.29 -2.17 7.13
C ASP A 269 10.87 -3.35 7.93
N ARG A 270 10.14 -4.48 8.04
CA ARG A 270 10.49 -5.72 8.79
C ARG A 270 10.84 -6.90 7.85
N ASP A 271 11.18 -6.62 6.59
CA ASP A 271 11.49 -7.64 5.56
C ASP A 271 12.72 -8.47 5.98
N GLY A 272 12.54 -9.78 6.18
CA GLY A 272 13.65 -10.70 6.52
C GLY A 272 13.80 -11.00 8.02
N VAL A 273 13.19 -10.22 8.92
CA VAL A 273 13.25 -10.48 10.39
C VAL A 273 12.50 -11.77 10.75
N ALA A 274 13.15 -12.72 11.45
CA ALA A 274 12.56 -14.03 11.81
C ALA A 274 11.31 -13.80 12.67
N ILE A 275 10.35 -14.69 12.51
CA ILE A 275 9.09 -14.73 13.30
C ILE A 275 9.47 -14.89 14.77
N GLY A 276 9.05 -13.96 15.63
CA GLY A 276 9.30 -13.98 17.08
C GLY A 276 10.56 -13.21 17.46
N ASP A 277 11.28 -12.62 16.51
CA ASP A 277 12.46 -11.76 16.82
C ASP A 277 11.99 -10.33 17.03
N ASN A 278 11.86 -9.90 18.30
CA ASN A 278 11.21 -8.61 18.66
C ASN A 278 12.20 -7.45 18.71
N THR A 279 13.42 -7.60 18.23
CA THR A 279 14.37 -6.47 18.13
C THR A 279 14.23 -5.84 16.74
N LEU A 280 14.69 -4.60 16.56
CA LEU A 280 14.74 -3.93 15.24
C LEU A 280 16.05 -4.28 14.59
N LYS A 281 16.03 -4.62 13.30
CA LYS A 281 17.23 -4.88 12.45
C LYS A 281 17.11 -4.08 11.15
N THR A 282 18.24 -3.94 10.45
CA THR A 282 18.28 -3.50 9.03
C THR A 282 17.74 -4.65 8.15
N THR A 283 17.63 -4.37 6.84
CA THR A 283 17.09 -5.35 5.85
C THR A 283 17.65 -4.97 4.48
N ASP A 284 17.92 -5.95 3.61
CA ASP A 284 18.34 -5.71 2.20
C ASP A 284 17.12 -5.91 1.30
N PHE A 285 15.95 -6.15 1.90
CA PHE A 285 14.65 -6.37 1.22
C PHE A 285 14.73 -7.61 0.32
N THR A 286 15.26 -8.70 0.86
CA THR A 286 15.43 -9.99 0.13
C THR A 286 14.05 -10.47 -0.27
N TRP A 287 13.13 -10.58 0.69
CA TRP A 287 11.78 -11.16 0.45
C TRP A 287 11.08 -10.35 -0.62
N THR A 288 11.07 -9.02 -0.51
CA THR A 288 10.40 -8.11 -1.48
C THR A 288 10.95 -8.41 -2.89
N ARG A 289 12.28 -8.35 -3.05
CA ARG A 289 13.01 -8.57 -4.33
C ARG A 289 12.75 -9.99 -4.88
N GLN A 290 12.82 -11.03 -4.05
CA GLN A 290 12.49 -12.43 -4.45
C GLN A 290 11.05 -12.48 -4.99
N LEU A 291 10.13 -11.80 -4.29
CA LEU A 291 8.66 -11.92 -4.55
C LEU A 291 8.28 -11.14 -5.82
N ILE A 292 9.02 -10.07 -6.15
CA ILE A 292 8.92 -9.41 -7.50
C ILE A 292 9.33 -10.43 -8.57
N GLY A 293 10.47 -11.10 -8.40
CA GLY A 293 10.94 -12.16 -9.31
C GLY A 293 9.91 -13.24 -9.46
N ALA A 294 9.32 -13.67 -8.35
CA ALA A 294 8.33 -14.77 -8.33
C ALA A 294 7.08 -14.40 -9.15
N MET A 295 6.71 -13.12 -9.23
CA MET A 295 5.51 -12.65 -9.97
C MET A 295 5.89 -12.36 -11.43
N ASN A 296 7.14 -11.99 -11.72
CA ASN A 296 7.56 -11.51 -13.06
C ASN A 296 8.83 -12.25 -13.50
N PRO A 297 8.77 -13.57 -13.77
CA PRO A 297 9.96 -14.34 -14.15
C PRO A 297 10.30 -14.32 -15.65
#